data_8EA9
#
_entry.id   8EA9
#
_cell.length_a   99.719
_cell.length_b   43.400
_cell.length_c   64.777
_cell.angle_alpha   90.00
_cell.angle_beta   102.83
_cell.angle_gamma   90.00
#
_symmetry.space_group_name_H-M   'C 1 2 1'
#
loop_
_entity.id
_entity.type
_entity.pdbx_description
1 polymer 'NKG2-D type II integral membrane protein'
2 non-polymer 'TRIETHYLENE GLYCOL'
3 non-polymer N-[(1S)-1-[3,5-bis(trifluoromethyl)phenyl]-2-(dimethylamino)-2-oxoethyl]-4-[4-(trifluoromethyl)phenyl]pyridine-3-carboxamide
4 non-polymer DI(HYDROXYETHYL)ETHER
5 non-polymer 'TETRAETHYLENE GLYCOL'
6 water water
#
_entity_poly.entity_id   1
_entity_poly.type   'polypeptide(L)'
_entity_poly.pdbx_seq_one_letter_code
;MGPLTESYCGPCPKNWICYKNNCYQFFDEEKNWYESQASCMSQNASLLKVYSKEDQDLLKLVKSYHWMGLVHIPTNGSWQ
WEDGSSLSPNLLTIIEMQKGDCALYASSFKGYIENCSTPNTYICMQRTV
;
_entity_poly.pdbx_strand_id   B,A
#
# COMPACT_ATOMS: atom_id res chain seq x y z
N LEU A 4 -13.92 10.44 -9.21
CA LEU A 4 -13.79 11.34 -8.06
C LEU A 4 -14.98 11.20 -7.09
N THR A 5 -15.98 10.40 -7.49
CA THR A 5 -17.12 10.18 -6.62
C THR A 5 -16.69 9.43 -5.36
N GLU A 6 -17.29 9.79 -4.24
CA GLU A 6 -16.92 9.22 -2.95
C GLU A 6 -17.79 8.03 -2.61
N SER A 7 -17.18 7.01 -2.00
CA SER A 7 -17.91 5.86 -1.51
C SER A 7 -17.17 5.29 -0.31
N TYR A 8 -17.88 4.50 0.49
CA TYR A 8 -17.23 3.82 1.60
C TYR A 8 -16.64 2.51 1.14
N CYS A 9 -15.57 2.10 1.83
CA CYS A 9 -14.80 0.93 1.48
C CYS A 9 -14.86 -0.05 2.64
N GLY A 10 -15.22 -1.30 2.35
CA GLY A 10 -15.17 -2.32 3.36
C GLY A 10 -16.39 -3.21 3.34
N PRO A 11 -16.75 -3.74 4.52
CA PRO A 11 -16.05 -3.42 5.76
C PRO A 11 -14.74 -4.18 5.90
N CYS A 12 -13.85 -3.63 6.73
CA CYS A 12 -12.53 -4.19 6.97
C CYS A 12 -12.21 -3.98 8.45
N PRO A 13 -11.31 -4.78 9.00
CA PRO A 13 -10.77 -4.45 10.33
C PRO A 13 -9.91 -3.21 10.21
N LYS A 14 -9.76 -2.50 11.33
CA LYS A 14 -9.18 -1.16 11.29
C LYS A 14 -7.73 -1.15 10.81
N ASN A 15 -6.97 -2.21 11.11
CA ASN A 15 -5.55 -2.28 10.79
C ASN A 15 -5.26 -2.86 9.41
N TRP A 16 -6.27 -2.96 8.54
CA TRP A 16 -6.09 -3.48 7.20
C TRP A 16 -6.32 -2.35 6.20
N ILE A 17 -5.58 -2.41 5.09
N ILE A 17 -5.58 -2.38 5.10
CA ILE A 17 -5.82 -1.52 3.97
CA ILE A 17 -5.85 -1.41 4.04
C ILE A 17 -7.11 -1.94 3.27
C ILE A 17 -7.03 -1.89 3.21
N CYS A 18 -7.93 -0.96 2.89
CA CYS A 18 -9.13 -1.24 2.11
C CYS A 18 -8.98 -0.65 0.73
N TYR A 19 -9.30 -1.45 -0.29
CA TYR A 19 -9.27 -0.97 -1.66
C TYR A 19 -10.35 -1.69 -2.44
N LYS A 20 -11.29 -0.92 -2.98
CA LYS A 20 -12.40 -1.47 -3.75
C LYS A 20 -13.10 -2.60 -2.99
N ASN A 21 -13.26 -2.41 -1.69
CA ASN A 21 -14.02 -3.27 -0.78
C ASN A 21 -13.32 -4.58 -0.43
N ASN A 22 -12.10 -4.79 -0.89
CA ASN A 22 -11.25 -5.87 -0.39
C ASN A 22 -10.31 -5.30 0.65
N CYS A 23 -9.95 -6.14 1.62
CA CYS A 23 -9.09 -5.75 2.73
C CYS A 23 -7.79 -6.52 2.64
N TYR A 24 -6.66 -5.83 2.82
CA TYR A 24 -5.35 -6.44 2.68
C TYR A 24 -4.49 -6.15 3.89
N GLN A 25 -3.69 -7.15 4.28
CA GLN A 25 -2.73 -6.97 5.36
C GLN A 25 -1.42 -7.66 5.01
N PHE A 26 -0.32 -6.93 5.16
CA PHE A 26 1.01 -7.45 4.89
CA PHE A 26 0.99 -7.47 4.90
C PHE A 26 1.62 -7.98 6.18
N PHE A 27 2.24 -9.16 6.10
CA PHE A 27 2.90 -9.81 7.22
C PHE A 27 4.39 -9.98 6.91
N ASP A 28 5.25 -9.39 7.72
CA ASP A 28 6.69 -9.42 7.47
C ASP A 28 7.42 -10.54 8.21
N GLU A 29 6.78 -11.22 9.15
CA GLU A 29 7.40 -12.37 9.80
C GLU A 29 7.26 -13.58 8.89
N GLU A 30 8.38 -14.10 8.41
CA GLU A 30 8.36 -15.06 7.32
C GLU A 30 7.91 -16.44 7.77
N LYS A 31 7.05 -17.05 6.95
CA LYS A 31 6.46 -18.34 7.23
C LYS A 31 6.36 -19.12 5.93
N ASN A 32 6.35 -20.45 6.03
CA ASN A 32 6.11 -21.23 4.83
C ASN A 32 4.67 -21.03 4.35
N TRP A 33 4.35 -21.58 3.19
CA TRP A 33 3.03 -21.32 2.61
C TRP A 33 1.92 -21.79 3.54
N TYR A 34 2.07 -22.99 4.12
CA TYR A 34 1.02 -23.57 4.95
C TYR A 34 0.82 -22.76 6.24
N GLU A 35 1.92 -22.31 6.85
CA GLU A 35 1.82 -21.50 8.08
C GLU A 35 1.26 -20.12 7.78
N SER A 36 1.58 -19.58 6.61
CA SER A 36 0.98 -18.32 6.17
C SER A 36 -0.51 -18.47 5.96
N GLN A 37 -0.94 -19.55 5.30
CA GLN A 37 -2.37 -19.82 5.15
C GLN A 37 -3.04 -19.90 6.52
N ALA A 38 -2.43 -20.62 7.46
CA ALA A 38 -3.04 -20.78 8.79
C ALA A 38 -3.12 -19.45 9.52
N SER A 39 -2.11 -18.60 9.33
CA SER A 39 -2.12 -17.29 9.97
C SER A 39 -3.26 -16.42 9.45
N CYS A 40 -3.44 -16.37 8.13
CA CYS A 40 -4.56 -15.62 7.57
C CYS A 40 -5.89 -16.18 8.08
N MET A 41 -5.99 -17.50 8.15
CA MET A 41 -7.23 -18.13 8.62
C MET A 41 -7.54 -17.73 10.06
N SER A 42 -6.51 -17.64 10.89
CA SER A 42 -6.72 -17.21 12.28
C SER A 42 -7.22 -15.78 12.38
N GLN A 43 -7.19 -15.03 11.27
CA GLN A 43 -7.72 -13.68 11.20
C GLN A 43 -8.98 -13.60 10.36
N ASN A 44 -9.69 -14.71 10.23
CA ASN A 44 -10.90 -14.77 9.40
C ASN A 44 -10.63 -14.30 7.97
N ALA A 45 -9.50 -14.75 7.42
CA ALA A 45 -9.04 -14.30 6.12
C ALA A 45 -8.38 -15.46 5.39
N SER A 46 -7.91 -15.19 4.17
CA SER A 46 -7.19 -16.16 3.37
C SER A 46 -5.96 -15.48 2.80
N LEU A 47 -5.04 -16.26 2.24
CA LEU A 47 -3.95 -15.61 1.51
C LEU A 47 -4.52 -14.88 0.31
N LEU A 48 -3.80 -13.85 -0.14
CA LEU A 48 -4.15 -13.07 -1.33
C LEU A 48 -4.68 -13.97 -2.44
N LYS A 49 -5.85 -13.61 -2.97
CA LYS A 49 -6.41 -14.23 -4.17
C LYS A 49 -6.52 -13.15 -5.24
N VAL A 50 -5.95 -13.42 -6.42
CA VAL A 50 -5.97 -12.47 -7.53
C VAL A 50 -7.08 -12.89 -8.48
N TYR A 51 -8.12 -12.05 -8.58
CA TYR A 51 -9.24 -12.34 -9.44
C TYR A 51 -9.55 -11.25 -10.46
N SER A 52 -8.99 -10.04 -10.31
CA SER A 52 -9.31 -8.97 -11.27
C SER A 52 -8.18 -7.95 -11.28
N LYS A 53 -7.62 -7.69 -12.47
CA LYS A 53 -6.60 -6.65 -12.59
C LYS A 53 -7.18 -5.27 -12.31
N GLU A 54 -8.46 -5.05 -12.63
CA GLU A 54 -9.06 -3.74 -12.47
C GLU A 54 -9.45 -3.47 -11.01
N ASP A 55 -10.14 -4.43 -10.37
CA ASP A 55 -10.53 -4.25 -8.98
C ASP A 55 -9.36 -4.40 -8.01
N GLN A 56 -8.25 -4.99 -8.46
CA GLN A 56 -7.07 -5.15 -7.62
C GLN A 56 -5.85 -4.50 -8.26
N ASP A 57 -6.05 -3.40 -8.98
CA ASP A 57 -4.93 -2.74 -9.63
C ASP A 57 -3.91 -2.16 -8.65
N LEU A 58 -4.26 -2.01 -7.37
CA LEU A 58 -3.26 -1.62 -6.38
C LEU A 58 -2.11 -2.62 -6.31
N LEU A 59 -2.33 -3.87 -6.73
CA LEU A 59 -1.26 -4.86 -6.69
C LEU A 59 -0.09 -4.49 -7.61
N LYS A 60 -0.28 -3.56 -8.55
CA LYS A 60 0.85 -3.07 -9.34
C LYS A 60 1.89 -2.42 -8.45
N LEU A 61 1.50 -1.93 -7.27
CA LEU A 61 2.38 -1.17 -6.39
C LEU A 61 3.01 -2.03 -5.30
N VAL A 62 2.73 -3.32 -5.29
CA VAL A 62 3.27 -4.21 -4.26
C VAL A 62 4.71 -4.55 -4.62
N LYS A 63 5.62 -4.27 -3.71
CA LYS A 63 7.05 -4.52 -3.88
C LYS A 63 7.46 -5.78 -3.12
N SER A 64 8.57 -6.36 -3.57
CA SER A 64 9.08 -7.62 -3.05
C SER A 64 8.17 -8.78 -3.46
N TYR A 65 8.29 -9.90 -2.76
CA TYR A 65 7.66 -11.16 -3.15
C TYR A 65 6.96 -11.73 -1.93
N HIS A 66 5.70 -12.13 -2.09
CA HIS A 66 4.86 -12.50 -0.96
C HIS A 66 4.01 -13.70 -1.31
N TRP A 67 3.79 -14.59 -0.33
CA TRP A 67 2.89 -15.72 -0.57
C TRP A 67 1.51 -15.22 -0.95
N MET A 68 0.94 -15.81 -1.99
CA MET A 68 -0.48 -15.73 -2.28
C MET A 68 -1.07 -17.14 -2.24
N GLY A 69 -2.38 -17.23 -2.33
CA GLY A 69 -3.04 -18.51 -2.09
C GLY A 69 -3.12 -19.46 -3.28
N LEU A 70 -2.15 -19.38 -4.17
CA LEU A 70 -2.16 -20.11 -5.43
C LEU A 70 -1.28 -21.35 -5.33
N VAL A 71 -1.85 -22.51 -5.64
CA VAL A 71 -1.16 -23.78 -5.50
C VAL A 71 -1.37 -24.62 -6.75
N HIS A 72 -0.43 -25.53 -6.97
CA HIS A 72 -0.48 -26.46 -8.10
C HIS A 72 -0.74 -27.85 -7.56
N ILE A 73 -1.84 -28.46 -8.01
CA ILE A 73 -2.17 -29.85 -7.67
C ILE A 73 -1.45 -30.74 -8.66
N PRO A 74 -0.45 -31.53 -8.23
CA PRO A 74 0.25 -32.47 -9.09
C PRO A 74 -0.50 -33.81 -9.19
N TRP A 79 -3.29 -24.45 -11.89
CA TRP A 79 -3.19 -23.68 -10.65
C TRP A 79 -4.59 -23.34 -10.11
N GLN A 80 -4.73 -23.37 -8.78
CA GLN A 80 -6.00 -23.10 -8.15
C GLN A 80 -5.77 -22.37 -6.83
N TRP A 81 -6.81 -21.67 -6.38
CA TRP A 81 -6.76 -20.90 -5.15
C TRP A 81 -7.14 -21.75 -3.94
N GLU A 82 -6.89 -21.21 -2.75
CA GLU A 82 -7.24 -21.89 -1.51
C GLU A 82 -8.68 -22.36 -1.54
N ASP A 83 -9.60 -21.47 -1.94
CA ASP A 83 -11.02 -21.79 -1.92
C ASP A 83 -11.41 -22.85 -2.94
N GLY A 84 -10.44 -23.40 -3.70
CA GLY A 84 -10.72 -24.41 -4.69
C GLY A 84 -11.08 -23.89 -6.06
N SER A 85 -11.24 -22.58 -6.21
CA SER A 85 -11.55 -22.00 -7.51
C SER A 85 -10.29 -21.95 -8.36
N SER A 86 -10.48 -22.02 -9.67
CA SER A 86 -9.35 -22.09 -10.59
C SER A 86 -8.86 -20.70 -10.95
N LEU A 87 -7.58 -20.62 -11.29
CA LEU A 87 -7.01 -19.36 -11.72
C LEU A 87 -7.67 -18.91 -13.01
N SER A 88 -8.20 -17.69 -13.00
CA SER A 88 -8.79 -17.12 -14.20
C SER A 88 -7.70 -16.74 -15.21
N PRO A 89 -8.00 -16.85 -16.50
CA PRO A 89 -7.01 -16.46 -17.51
C PRO A 89 -6.79 -14.96 -17.52
N ASN A 90 -5.64 -14.56 -18.09
CA ASN A 90 -5.31 -13.16 -18.33
C ASN A 90 -5.13 -12.37 -17.03
N LEU A 91 -4.69 -13.04 -15.97
CA LEU A 91 -4.46 -12.38 -14.69
C LEU A 91 -3.00 -12.35 -14.29
N LEU A 92 -2.32 -13.50 -14.30
CA LEU A 92 -0.97 -13.61 -13.79
C LEU A 92 -0.05 -14.26 -14.83
N THR A 93 1.21 -13.82 -14.82
CA THR A 93 2.28 -14.45 -15.59
C THR A 93 3.08 -15.29 -14.61
N ILE A 94 3.08 -16.61 -14.79
CA ILE A 94 3.70 -17.55 -13.84
C ILE A 94 5.09 -17.92 -14.34
N ILE A 95 6.10 -17.64 -13.52
CA ILE A 95 7.51 -17.85 -13.85
C ILE A 95 8.11 -18.80 -12.83
N GLU A 96 8.89 -19.77 -13.31
CA GLU A 96 9.58 -20.69 -12.42
C GLU A 96 10.72 -19.97 -11.71
N MET A 97 10.96 -20.34 -10.45
CA MET A 97 12.06 -19.76 -9.68
C MET A 97 12.73 -20.84 -8.85
N GLN A 98 11.95 -21.44 -7.94
CA GLN A 98 12.40 -22.52 -7.08
C GLN A 98 11.40 -23.65 -7.25
N LYS A 99 11.88 -24.87 -7.43
CA LYS A 99 10.99 -26.00 -7.69
C LYS A 99 9.97 -26.13 -6.56
N GLY A 100 8.69 -26.19 -6.92
CA GLY A 100 7.66 -26.25 -5.89
C GLY A 100 6.27 -26.18 -6.46
N ASP A 101 5.30 -26.23 -5.55
CA ASP A 101 3.88 -26.27 -5.89
C ASP A 101 3.12 -25.05 -5.39
N CYS A 102 3.82 -24.02 -4.91
CA CYS A 102 3.19 -22.80 -4.43
C CYS A 102 3.73 -21.61 -5.20
N ALA A 103 3.12 -20.44 -5.02
CA ALA A 103 3.52 -19.27 -5.80
C ALA A 103 3.58 -18.01 -4.95
N LEU A 104 4.60 -17.20 -5.23
CA LEU A 104 4.75 -15.88 -4.64
C LEU A 104 4.23 -14.82 -5.61
N TYR A 105 3.50 -13.85 -5.08
CA TYR A 105 3.09 -12.69 -5.87
C TYR A 105 4.26 -11.71 -5.95
N ALA A 106 4.46 -11.15 -7.15
CA ALA A 106 5.40 -10.03 -7.33
C ALA A 106 4.80 -9.08 -8.36
N SER A 107 5.18 -7.81 -8.28
CA SER A 107 4.70 -6.85 -9.25
C SER A 107 5.44 -7.05 -10.57
N SER A 108 4.73 -6.88 -11.70
CA SER A 108 3.32 -6.53 -11.76
C SER A 108 2.51 -7.73 -12.27
N PHE A 109 1.63 -8.26 -11.41
CA PHE A 109 0.79 -9.41 -11.75
C PHE A 109 1.61 -10.60 -12.25
N LYS A 110 2.68 -10.88 -11.49
CA LYS A 110 3.53 -12.03 -11.72
C LYS A 110 3.39 -13.01 -10.56
N GLY A 111 3.55 -14.29 -10.86
CA GLY A 111 3.63 -15.33 -9.86
C GLY A 111 4.93 -16.09 -10.03
N TYR A 112 5.75 -16.16 -8.99
CA TYR A 112 7.00 -16.90 -9.03
C TYR A 112 6.83 -18.21 -8.28
N ILE A 113 7.09 -19.32 -8.98
CA ILE A 113 6.93 -20.65 -8.36
C ILE A 113 8.01 -20.84 -7.31
N GLU A 114 7.60 -21.40 -6.17
CA GLU A 114 8.43 -21.43 -4.97
C GLU A 114 8.07 -22.69 -4.19
N ASN A 115 9.08 -23.30 -3.57
CA ASN A 115 8.80 -24.44 -2.71
C ASN A 115 7.90 -24.00 -1.56
N CYS A 116 6.83 -24.77 -1.32
CA CYS A 116 5.85 -24.41 -0.31
C CYS A 116 6.45 -24.33 1.09
N SER A 117 7.58 -24.98 1.33
CA SER A 117 8.21 -25.00 2.64
C SER A 117 9.17 -23.84 2.87
N THR A 118 9.38 -23.00 1.88
CA THR A 118 10.34 -21.91 2.04
C THR A 118 9.69 -20.74 2.77
N PRO A 119 10.29 -20.23 3.84
CA PRO A 119 9.69 -19.09 4.55
C PRO A 119 9.73 -17.84 3.68
N ASN A 120 8.61 -17.09 3.70
CA ASN A 120 8.48 -15.86 2.94
C ASN A 120 7.50 -14.95 3.67
N THR A 121 7.57 -13.66 3.36
CA THR A 121 6.49 -12.77 3.79
C THR A 121 5.21 -13.13 3.03
N TYR A 122 4.08 -12.60 3.51
CA TYR A 122 2.81 -13.00 2.92
C TYR A 122 1.78 -11.89 3.03
N ILE A 123 0.74 -11.98 2.22
CA ILE A 123 -0.35 -11.02 2.18
C ILE A 123 -1.64 -11.78 2.46
N CYS A 124 -2.38 -11.33 3.46
CA CYS A 124 -3.70 -11.87 3.74
C CYS A 124 -4.75 -10.94 3.16
N MET A 125 -5.89 -11.51 2.80
CA MET A 125 -6.96 -10.76 2.17
C MET A 125 -8.27 -11.22 2.77
N GLN A 126 -9.13 -10.26 3.11
CA GLN A 126 -10.47 -10.47 3.64
C GLN A 126 -11.50 -9.82 2.74
N ARG A 127 -12.69 -10.41 2.70
CA ARG A 127 -13.81 -9.85 1.96
C ARG A 127 -15.09 -10.20 2.72
N THR A 128 -15.80 -9.18 3.18
CA THR A 128 -17.10 -9.39 3.81
C THR A 128 -18.21 -9.20 2.77
N THR B 5 -13.35 -7.24 14.49
CA THR B 5 -14.39 -6.23 14.42
C THR B 5 -14.29 -5.44 13.11
N GLU B 6 -15.35 -5.46 12.32
CA GLU B 6 -15.36 -4.88 10.98
C GLU B 6 -15.96 -3.48 11.01
N SER B 7 -15.43 -2.58 10.18
CA SER B 7 -16.05 -1.28 10.03
C SER B 7 -15.78 -0.76 8.63
N TYR B 8 -16.57 0.24 8.23
CA TYR B 8 -16.41 0.84 6.92
C TYR B 8 -15.43 2.00 6.99
N CYS B 9 -14.73 2.21 5.88
CA CYS B 9 -13.62 3.15 5.82
C CYS B 9 -13.94 4.21 4.76
N GLY B 10 -13.71 5.47 5.10
CA GLY B 10 -13.81 6.52 4.12
C GLY B 10 -14.71 7.64 4.57
N PRO B 11 -15.39 8.29 3.61
CA PRO B 11 -15.39 7.85 2.21
C PRO B 11 -14.13 8.21 1.43
N CYS B 12 -13.92 7.52 0.32
CA CYS B 12 -12.78 7.71 -0.57
C CYS B 12 -13.24 7.50 -2.00
N PRO B 13 -12.56 8.11 -2.97
CA PRO B 13 -12.81 7.75 -4.36
C PRO B 13 -12.35 6.33 -4.61
N LYS B 14 -12.85 5.75 -5.71
CA LYS B 14 -12.74 4.31 -5.89
C LYS B 14 -11.29 3.85 -6.07
N ASN B 15 -10.43 4.66 -6.71
CA ASN B 15 -9.06 4.27 -7.03
C ASN B 15 -8.06 4.67 -5.95
N TRP B 16 -8.52 4.96 -4.74
CA TRP B 16 -7.69 5.34 -3.61
C TRP B 16 -7.71 4.26 -2.55
N ILE B 17 -6.57 4.05 -1.90
CA ILE B 17 -6.50 3.20 -0.71
C ILE B 17 -7.14 3.93 0.46
N CYS B 18 -7.94 3.20 1.24
CA CYS B 18 -8.51 3.75 2.46
C CYS B 18 -7.90 3.08 3.68
N TYR B 19 -7.54 3.88 4.67
CA TYR B 19 -6.95 3.35 5.90
C TYR B 19 -7.29 4.30 7.03
N LYS B 20 -8.06 3.79 8.00
CA LYS B 20 -8.46 4.57 9.16
C LYS B 20 -9.06 5.91 8.72
N ASN B 21 -9.91 5.83 7.70
CA ASN B 21 -10.73 6.92 7.16
C ASN B 21 -9.97 7.97 6.37
N ASN B 22 -8.66 7.83 6.21
CA ASN B 22 -7.91 8.64 5.27
C ASN B 22 -7.75 7.90 3.95
N CYS B 23 -7.65 8.67 2.87
CA CYS B 23 -7.55 8.13 1.52
C CYS B 23 -6.19 8.50 0.95
N TYR B 24 -5.52 7.53 0.32
CA TYR B 24 -4.18 7.75 -0.20
C TYR B 24 -4.11 7.29 -1.65
N GLN B 25 -3.37 8.04 -2.47
CA GLN B 25 -3.11 7.62 -3.84
C GLN B 25 -1.67 7.94 -4.21
N PHE B 26 -0.97 6.95 -4.73
CA PHE B 26 0.40 7.11 -5.15
C PHE B 26 0.46 7.50 -6.63
N PHE B 27 1.37 8.41 -6.95
CA PHE B 27 1.61 8.86 -8.32
C PHE B 27 3.05 8.59 -8.68
N ASP B 28 3.28 7.77 -9.71
CA ASP B 28 4.64 7.39 -10.08
C ASP B 28 5.29 8.29 -11.13
N GLU B 29 4.55 9.21 -11.73
CA GLU B 29 5.13 10.13 -12.70
C GLU B 29 5.79 11.29 -11.95
N GLU B 30 7.10 11.47 -12.17
CA GLU B 30 7.86 12.39 -11.34
C GLU B 30 7.53 13.85 -11.65
N LYS B 31 7.28 14.63 -10.60
CA LYS B 31 6.99 16.05 -10.69
C LYS B 31 7.71 16.76 -9.56
N ASN B 32 8.01 18.04 -9.76
CA ASN B 32 8.54 18.85 -8.66
C ASN B 32 7.44 19.05 -7.62
N TRP B 33 7.82 19.65 -6.48
CA TRP B 33 6.86 19.75 -5.39
C TRP B 33 5.63 20.54 -5.80
N TYR B 34 5.85 21.67 -6.49
CA TYR B 34 4.75 22.54 -6.87
C TYR B 34 3.80 21.84 -7.84
N GLU B 35 4.35 21.13 -8.83
CA GLU B 35 3.52 20.39 -9.78
C GLU B 35 2.79 19.25 -9.10
N SER B 36 3.43 18.62 -8.11
CA SER B 36 2.78 17.55 -7.35
C SER B 36 1.61 18.10 -6.55
N GLN B 37 1.83 19.24 -5.87
CA GLN B 37 0.74 19.86 -5.12
C GLN B 37 -0.42 20.22 -6.03
N ALA B 38 -0.12 20.75 -7.22
CA ALA B 38 -1.18 21.10 -8.16
C ALA B 38 -1.93 19.86 -8.62
N SER B 39 -1.22 18.75 -8.84
CA SER B 39 -1.86 17.51 -9.25
C SER B 39 -2.84 17.02 -8.19
N CYS B 40 -2.41 17.02 -6.93
CA CYS B 40 -3.29 16.62 -5.83
C CYS B 40 -4.51 17.53 -5.74
N MET B 41 -4.30 18.84 -5.92
CA MET B 41 -5.42 19.77 -5.84
C MET B 41 -6.45 19.49 -6.93
N SER B 42 -5.99 19.07 -8.11
CA SER B 42 -6.93 18.78 -9.18
C SER B 42 -7.81 17.58 -8.87
N GLN B 43 -7.39 16.73 -7.93
CA GLN B 43 -8.19 15.60 -7.48
C GLN B 43 -8.92 15.89 -6.18
N ASN B 44 -9.17 17.17 -5.87
CA ASN B 44 -9.83 17.55 -4.62
C ASN B 44 -9.07 17.03 -3.40
N ALA B 45 -7.74 17.09 -3.47
CA ALA B 45 -6.91 16.49 -2.43
C ALA B 45 -5.71 17.41 -2.17
N SER B 46 -4.82 16.93 -1.30
CA SER B 46 -3.57 17.63 -1.00
C SER B 46 -2.46 16.60 -0.98
N LEU B 47 -1.22 17.08 -0.90
CA LEU B 47 -0.14 16.14 -0.68
C LEU B 47 -0.25 15.53 0.72
N LEU B 48 0.35 14.35 0.88
CA LEU B 48 0.37 13.67 2.17
C LEU B 48 0.63 14.63 3.34
N LYS B 49 -0.22 14.55 4.36
CA LYS B 49 0.02 15.21 5.63
C LYS B 49 0.17 14.13 6.68
N VAL B 50 1.24 14.20 7.47
CA VAL B 50 1.51 13.23 8.52
C VAL B 50 1.13 13.86 9.86
N TYR B 51 0.14 13.27 10.53
CA TYR B 51 -0.34 13.79 11.80
C TYR B 51 -0.36 12.77 12.95
N SER B 52 -0.19 11.48 12.67
CA SER B 52 -0.29 10.50 13.74
C SER B 52 0.43 9.23 13.30
N LYS B 53 1.38 8.76 14.12
CA LYS B 53 2.03 7.48 13.82
C LYS B 53 1.07 6.30 14.00
N GLU B 54 0.01 6.47 14.77
CA GLU B 54 -0.96 5.42 15.01
C GLU B 54 -2.01 5.37 13.91
N ASP B 55 -2.68 6.50 13.66
CA ASP B 55 -3.69 6.56 12.60
C ASP B 55 -3.09 6.30 11.23
N GLN B 56 -1.79 6.52 11.07
CA GLN B 56 -1.13 6.43 9.78
C GLN B 56 0.01 5.43 9.80
N ASP B 57 -0.13 4.38 10.62
CA ASP B 57 0.95 3.41 10.72
C ASP B 57 1.22 2.68 9.42
N LEU B 58 0.29 2.70 8.45
CA LEU B 58 0.59 2.14 7.13
C LEU B 58 1.78 2.80 6.45
N LEU B 59 2.12 4.02 6.85
CA LEU B 59 3.26 4.69 6.25
C LEU B 59 4.57 3.98 6.56
N LYS B 60 4.58 3.09 7.56
CA LYS B 60 5.76 2.26 7.78
C LYS B 60 6.06 1.35 6.60
N LEU B 61 5.06 1.04 5.78
CA LEU B 61 5.22 0.12 4.67
C LEU B 61 5.54 0.80 3.36
N VAL B 62 5.63 2.13 3.34
CA VAL B 62 5.90 2.84 2.09
C VAL B 62 7.35 2.64 1.71
N LYS B 63 7.59 2.28 0.46
CA LYS B 63 8.92 2.11 -0.07
C LYS B 63 9.29 3.29 -0.97
N SER B 64 10.58 3.63 -0.98
CA SER B 64 11.12 4.79 -1.69
C SER B 64 10.66 6.09 -1.04
N TYR B 65 10.95 7.23 -1.66
CA TYR B 65 10.66 8.54 -1.10
C TYR B 65 9.75 9.31 -2.05
N HIS B 66 8.87 10.13 -1.48
CA HIS B 66 7.76 10.73 -2.21
C HIS B 66 7.45 12.07 -1.60
N TRP B 67 7.05 13.04 -2.44
CA TRP B 67 6.65 14.34 -1.93
C TRP B 67 5.51 14.20 -0.93
N MET B 68 5.64 14.91 0.17
CA MET B 68 4.54 15.18 1.07
C MET B 68 4.36 16.70 1.20
N GLY B 69 3.31 17.11 1.89
CA GLY B 69 2.94 18.52 1.89
C GLY B 69 3.66 19.43 2.88
N LEU B 70 4.90 19.08 3.24
CA LEU B 70 5.66 19.81 4.25
C LEU B 70 6.62 20.79 3.59
N VAL B 71 6.53 22.07 3.97
CA VAL B 71 7.30 23.12 3.33
C VAL B 71 7.86 24.06 4.38
N HIS B 72 8.95 24.73 4.01
CA HIS B 72 9.60 25.70 4.89
C HIS B 72 9.37 27.12 4.37
N GLY B 77 9.63 30.57 9.97
CA GLY B 77 9.55 29.86 11.24
C GLY B 77 9.93 28.41 11.14
N SER B 78 8.96 27.53 11.31
CA SER B 78 9.16 26.09 11.30
C SER B 78 8.67 25.51 9.98
N TRP B 79 8.80 24.20 9.84
CA TRP B 79 8.15 23.50 8.74
C TRP B 79 6.65 23.47 9.00
N GLN B 80 5.86 23.65 7.94
CA GLN B 80 4.42 23.67 8.06
C GLN B 80 3.81 22.88 6.90
N TRP B 81 2.58 22.42 7.12
CA TRP B 81 1.86 21.70 6.09
C TRP B 81 1.14 22.69 5.16
N GLU B 82 0.66 22.15 4.03
CA GLU B 82 -0.09 22.95 3.08
C GLU B 82 -1.26 23.68 3.75
N ASP B 83 -1.90 23.03 4.71
CA ASP B 83 -3.07 23.63 5.35
C ASP B 83 -2.70 24.68 6.40
N GLY B 84 -1.42 25.04 6.52
CA GLY B 84 -0.99 26.07 7.44
C GLY B 84 -0.68 25.58 8.84
N SER B 85 -1.03 24.34 9.16
CA SER B 85 -0.74 23.81 10.48
C SER B 85 0.74 23.47 10.62
N SER B 86 1.22 23.46 11.86
CA SER B 86 2.62 23.16 12.12
C SER B 86 2.84 21.65 12.17
N LEU B 87 4.09 21.26 11.95
CA LEU B 87 4.48 19.86 12.09
C LEU B 87 4.48 19.48 13.56
N SER B 88 3.71 18.46 13.92
CA SER B 88 3.64 18.04 15.31
C SER B 88 4.97 17.43 15.73
N PRO B 89 5.42 17.68 16.96
CA PRO B 89 6.69 17.10 17.40
C PRO B 89 6.61 15.58 17.49
N ASN B 90 7.79 14.97 17.39
CA ASN B 90 7.95 13.53 17.62
C ASN B 90 7.16 12.68 16.62
N LEU B 91 6.92 13.20 15.42
CA LEU B 91 6.31 12.41 14.35
C LEU B 91 7.31 12.03 13.27
N LEU B 92 8.17 12.96 12.86
CA LEU B 92 9.09 12.72 11.77
C LEU B 92 10.51 13.03 12.22
N THR B 93 11.44 12.18 11.80
CA THR B 93 12.86 12.51 11.89
C THR B 93 13.24 13.25 10.62
N ILE B 94 13.66 14.50 10.76
CA ILE B 94 14.01 15.32 9.61
C ILE B 94 15.49 15.14 9.32
N ILE B 95 15.82 14.82 8.07
CA ILE B 95 17.21 14.60 7.64
C ILE B 95 17.51 15.52 6.46
N GLU B 96 18.69 16.15 6.46
CA GLU B 96 19.05 17.05 5.38
C GLU B 96 19.68 16.29 4.21
N MET B 97 19.04 16.34 3.04
CA MET B 97 19.53 15.67 1.84
C MET B 97 19.98 16.64 0.76
N GLN B 98 19.17 17.65 0.47
CA GLN B 98 19.50 18.68 -0.51
C GLN B 98 19.21 20.05 0.08
N LYS B 99 19.83 21.08 -0.49
CA LYS B 99 19.39 22.44 -0.21
C LYS B 99 17.97 22.59 -0.72
N GLY B 100 17.01 22.85 0.16
CA GLY B 100 15.63 22.93 -0.29
C GLY B 100 14.70 23.39 0.81
N ASP B 101 13.48 23.74 0.38
CA ASP B 101 12.42 24.21 1.27
C ASP B 101 11.21 23.28 1.27
N CYS B 102 11.37 22.06 0.76
CA CYS B 102 10.31 21.06 0.68
C CYS B 102 10.82 19.76 1.30
N ALA B 103 9.91 18.82 1.60
CA ALA B 103 10.33 17.56 2.20
C ALA B 103 9.70 16.36 1.52
N LEU B 104 10.49 15.30 1.38
CA LEU B 104 10.03 13.99 0.94
C LEU B 104 9.73 13.12 2.16
N TYR B 105 8.65 12.33 2.08
CA TYR B 105 8.44 11.26 3.05
C TYR B 105 9.28 10.03 2.68
N ALA B 106 9.87 9.40 3.70
CA ALA B 106 10.48 8.09 3.57
C ALA B 106 10.23 7.28 4.84
N SER B 107 10.14 5.96 4.70
CA SER B 107 9.89 5.13 5.87
C SER B 107 11.19 4.94 6.65
N SER B 108 11.09 4.82 7.97
CA SER B 108 9.84 4.87 8.71
C SER B 108 9.74 6.25 9.37
N PHE B 109 8.75 7.04 8.95
CA PHE B 109 8.49 8.36 9.55
C PHE B 109 9.72 9.27 9.53
N LYS B 110 10.34 9.35 8.35
CA LYS B 110 11.40 10.30 8.10
C LYS B 110 10.95 11.35 7.09
N GLY B 111 11.54 12.53 7.20
CA GLY B 111 11.34 13.58 6.23
C GLY B 111 12.69 14.03 5.70
N TYR B 112 12.88 13.94 4.39
CA TYR B 112 14.14 14.35 3.76
C TYR B 112 13.97 15.77 3.21
N ILE B 113 14.82 16.68 3.68
CA ILE B 113 14.82 18.03 3.11
C ILE B 113 15.31 17.96 1.68
N GLU B 114 14.56 18.55 0.76
CA GLU B 114 14.74 18.30 -0.65
C GLU B 114 14.49 19.58 -1.42
N ASN B 115 15.25 19.79 -2.51
CA ASN B 115 14.99 20.93 -3.37
C ASN B 115 13.59 20.82 -3.96
N CYS B 116 12.79 21.88 -3.79
CA CYS B 116 11.40 21.84 -4.26
C CYS B 116 11.31 21.61 -5.75
N SER B 117 12.35 21.95 -6.51
CA SER B 117 12.35 21.82 -7.96
C SER B 117 12.70 20.41 -8.43
N THR B 118 13.14 19.53 -7.53
CA THR B 118 13.57 18.19 -7.98
C THR B 118 12.35 17.31 -8.25
N PRO B 119 12.27 16.69 -9.43
CA PRO B 119 11.17 15.76 -9.70
C PRO B 119 11.24 14.55 -8.79
N ASN B 120 10.09 14.19 -8.22
CA ASN B 120 9.95 13.00 -7.38
C ASN B 120 8.55 12.44 -7.58
N THR B 121 8.39 11.16 -7.27
CA THR B 121 7.04 10.63 -7.13
C THR B 121 6.38 11.27 -5.91
N TYR B 122 5.06 11.08 -5.78
CA TYR B 122 4.33 11.83 -4.76
C TYR B 122 3.12 11.05 -4.30
N ILE B 123 2.61 11.43 -3.12
CA ILE B 123 1.45 10.80 -2.49
C ILE B 123 0.42 11.88 -2.24
N CYS B 124 -0.79 11.67 -2.76
CA CYS B 124 -1.91 12.55 -2.45
C CYS B 124 -2.76 11.91 -1.35
N MET B 125 -3.47 12.76 -0.62
CA MET B 125 -4.26 12.33 0.51
C MET B 125 -5.56 13.12 0.55
N GLN B 126 -6.65 12.44 0.92
CA GLN B 126 -7.95 13.06 1.05
C GLN B 126 -8.57 12.54 2.34
N ARG B 127 -9.37 13.40 2.97
CA ARG B 127 -10.15 13.02 4.15
C ARG B 127 -11.41 13.87 4.12
N THR B 128 -12.56 13.22 3.93
CA THR B 128 -13.85 13.90 3.82
C THR B 128 -14.53 14.01 5.19
#